data_7L3P
#
_entry.id   7L3P
#
_cell.length_a   107.570
_cell.length_b   107.570
_cell.length_c   116.480
_cell.angle_alpha   90.00
_cell.angle_beta   90.00
_cell.angle_gamma   120.00
#
_symmetry.space_group_name_H-M   'P 63'
#
loop_
_entity.id
_entity.type
_entity.pdbx_description
1 polymer 'Acetyl-coenzyme A synthetase'
2 non-polymer "5'-O-[(S)-ethoxy(hydroxy)phosphoryl]adenosine"
3 non-polymer 1,2-ETHANEDIOL
4 non-polymer 'SULFATE ION'
5 water water
#
_entity_poly.entity_id   1
_entity_poly.type   'polypeptide(L)'
_entity_poly.pdbx_seq_one_letter_code
;MHHHHHHHHENLYFQGSETPAEPKLPVVVEAHQVDTFDVPGVFYENHPHEPHLSGMNEYNQLYQQSINDPDTFWARMARD
LITFEKDFDKTHIGTLEGGDNAWFVGGRLNASFNCVDRHAMRDPNKVAIIYEADEPGHGRSITYAELLKEVSRLAWVMKS
QGVRKGDTVAIYLPMIPEAIFALLACARIGAIHSVVFAGFSSDSLRDRTLDARSKFIITTDEGKRGGKVIGTKKIVDEAL
KQCPDVTNCLVFKRTGADVPWTKGRDLWWHEEVDKYPNYLPAESMDSEDPLFLLYTSGSTGKPKGVMHTTAGYLVGAAAT
GKYVFDIHPADRFFCGGDVGWITGHTYVVYAPLLLGCTTVVFESTPAYPNFSRYWDVIEKHKVTQFYVAPTALRLLKRAG
DHHINHEMKDLRILGSVGEPIAAEVWKWYHEVVGKRQAHIVDTYWQTETGSHVITPLGGITPTKPGSASLPFFGIDPVIL
DPVTGAEIPGNDVEGILAFRKPWPSMARTVWGDHKRYMDTYLNVYKGFYFTGDGAGRDHEGYYWIRGRVDDVVNVSGHRL
STAEIEAALIEHHCVAEAAVVGVPDPLTGQAVHAFVALKSGNDNREQLQKELIMQVRKSIGPFAAPKVVFVIDDLPKTRS
GKIMRRILRKILSGEEDSLGDISTLSDPSVVNKIIDTFHEWKKAMAAAAAAAAAVSATAPPNSTTG
;
_entity_poly.pdbx_strand_id   A
#
loop_
_chem_comp.id
_chem_comp.type
_chem_comp.name
_chem_comp.formula
EDO non-polymer 1,2-ETHANEDIOL 'C2 H6 O2'
SO4 non-polymer 'SULFATE ION' 'O4 S -2'
WTA non-polymer 5'-O-[(S)-ethoxy(hydroxy)phosphoryl]adenosine 'C12 H18 N5 O7 P'
#
# COMPACT_ATOMS: atom_id res chain seq x y z
N LEU A 25 15.99 9.51 31.76
CA LEU A 25 15.53 8.67 32.87
C LEU A 25 14.77 7.40 32.43
N PRO A 26 13.86 7.49 31.47
CA PRO A 26 13.16 6.27 31.02
C PRO A 26 13.94 5.50 29.95
N VAL A 27 13.62 4.22 29.85
CA VAL A 27 14.27 3.36 28.87
C VAL A 27 13.87 3.74 27.45
N VAL A 28 12.59 4.07 27.26
CA VAL A 28 12.09 4.53 25.95
C VAL A 28 12.22 6.04 25.97
N VAL A 29 13.41 6.53 25.62
CA VAL A 29 13.75 7.95 25.77
C VAL A 29 12.80 8.85 25.00
N GLU A 30 12.27 8.37 23.86
CA GLU A 30 11.43 9.21 23.02
C GLU A 30 10.07 9.52 23.64
N ALA A 31 9.66 8.77 24.67
CA ALA A 31 8.38 8.97 25.32
C ALA A 31 8.46 9.89 26.54
N HIS A 32 9.66 10.33 26.91
CA HIS A 32 9.84 11.06 28.16
C HIS A 32 9.06 12.38 28.13
N GLN A 33 8.14 12.53 29.10
CA GLN A 33 7.30 13.71 29.23
C GLN A 33 6.58 14.05 27.92
N VAL A 34 6.03 13.02 27.28
CA VAL A 34 5.18 13.20 26.12
C VAL A 34 3.73 13.03 26.56
N ASP A 35 2.95 14.11 26.44
CA ASP A 35 1.57 14.11 26.89
C ASP A 35 0.67 13.40 25.88
N THR A 36 -0.48 12.94 26.38
CA THR A 36 -1.50 12.30 25.59
C THR A 36 -2.54 13.32 25.17
N PHE A 37 -2.95 13.26 23.90
CA PHE A 37 -3.94 14.19 23.36
C PHE A 37 -5.23 13.44 23.06
N ASP A 38 -6.33 13.89 23.65
CA ASP A 38 -7.62 13.30 23.35
C ASP A 38 -8.09 13.72 21.96
N VAL A 39 -9.02 12.96 21.42
CA VAL A 39 -9.69 13.34 20.18
C VAL A 39 -10.34 14.70 20.36
N PRO A 40 -10.19 15.64 19.42
CA PRO A 40 -10.79 16.96 19.59
C PRO A 40 -12.31 16.87 19.70
N GLY A 41 -12.86 17.70 20.58
CA GLY A 41 -14.30 17.66 20.83
C GLY A 41 -15.12 17.94 19.59
N VAL A 42 -14.64 18.84 18.73
CA VAL A 42 -15.38 19.20 17.53
C VAL A 42 -15.49 18.03 16.56
N PHE A 43 -14.62 17.01 16.68
CA PHE A 43 -14.70 15.85 15.80
C PHE A 43 -16.07 15.18 15.91
N TYR A 44 -16.55 15.00 17.14
CA TYR A 44 -17.84 14.36 17.35
C TYR A 44 -18.98 15.31 16.99
N GLU A 45 -18.85 16.59 17.37
CA GLU A 45 -19.88 17.58 17.05
C GLU A 45 -20.17 17.60 15.55
N ASN A 46 -19.12 17.60 14.72
CA ASN A 46 -19.27 17.78 13.29
C ASN A 46 -19.46 16.48 12.52
N HIS A 47 -19.24 15.34 13.17
CA HIS A 47 -19.26 14.04 12.49
C HIS A 47 -20.64 13.79 11.86
N PRO A 48 -20.70 13.35 10.59
CA PRO A 48 -22.00 13.16 9.95
C PRO A 48 -22.78 11.94 10.44
N HIS A 49 -22.12 10.98 11.08
CA HIS A 49 -22.79 9.74 11.48
C HIS A 49 -22.52 9.43 12.96
N GLU A 50 -22.93 8.23 13.38
CA GLU A 50 -22.66 7.55 14.65
C GLU A 50 -21.38 6.73 14.53
N PRO A 51 -20.48 6.87 15.49
CA PRO A 51 -19.17 6.20 15.40
C PRO A 51 -19.29 4.69 15.50
N HIS A 52 -18.23 4.01 15.03
CA HIS A 52 -18.27 2.54 15.00
C HIS A 52 -18.01 1.93 16.36
N LEU A 53 -17.26 2.60 17.23
CA LEU A 53 -17.01 2.14 18.58
C LEU A 53 -17.47 3.22 19.56
N SER A 54 -17.91 2.79 20.75
CA SER A 54 -18.39 3.73 21.74
C SER A 54 -17.27 4.42 22.52
N GLY A 55 -16.03 3.99 22.36
CA GLY A 55 -14.94 4.57 23.09
C GLY A 55 -13.85 3.55 23.32
N MET A 56 -12.88 3.93 24.15
CA MET A 56 -11.73 3.06 24.42
C MET A 56 -12.13 1.82 25.19
N ASN A 57 -13.19 1.87 25.99
CA ASN A 57 -13.65 0.67 26.68
C ASN A 57 -14.02 -0.43 25.69
N GLU A 58 -14.71 -0.07 24.61
CA GLU A 58 -15.13 -1.10 23.66
C GLU A 58 -13.97 -1.59 22.82
N TYR A 59 -13.05 -0.69 22.42
CA TYR A 59 -11.80 -1.14 21.82
C TYR A 59 -11.12 -2.21 22.68
N ASN A 60 -11.02 -1.96 23.99
CA ASN A 60 -10.32 -2.91 24.86
C ASN A 60 -11.08 -4.23 24.97
N GLN A 61 -12.41 -4.18 25.06
CA GLN A 61 -13.18 -5.41 25.11
C GLN A 61 -13.04 -6.20 23.82
N LEU A 62 -13.10 -5.52 22.68
CA LEU A 62 -12.95 -6.21 21.40
C LEU A 62 -11.51 -6.66 21.17
N TYR A 63 -10.52 -5.85 21.60
CA TYR A 63 -9.14 -6.27 21.44
C TYR A 63 -8.87 -7.53 22.24
N GLN A 64 -9.27 -7.55 23.51
CA GLN A 64 -9.07 -8.74 24.33
C GLN A 64 -9.70 -9.98 23.70
N GLN A 65 -10.92 -9.86 23.18
CA GLN A 65 -11.55 -11.01 22.53
C GLN A 65 -10.77 -11.45 21.29
N SER A 66 -10.20 -10.49 20.53
CA SER A 66 -9.48 -10.81 19.31
C SER A 66 -8.16 -11.52 19.58
N ILE A 67 -7.62 -11.38 20.80
CA ILE A 67 -6.40 -12.06 21.21
C ILE A 67 -6.70 -13.38 21.93
N ASN A 68 -7.73 -13.39 22.77
CA ASN A 68 -8.05 -14.57 23.56
C ASN A 68 -8.90 -15.58 22.81
N ASP A 69 -9.79 -15.12 21.92
CA ASP A 69 -10.66 -16.02 21.16
C ASP A 69 -10.73 -15.53 19.71
N PRO A 70 -9.59 -15.57 18.99
CA PRO A 70 -9.60 -15.08 17.61
C PRO A 70 -10.58 -15.82 16.72
N ASP A 71 -10.86 -17.09 17.01
CA ASP A 71 -11.75 -17.86 16.14
C ASP A 71 -13.16 -17.26 16.14
N THR A 72 -13.64 -16.88 17.32
CA THR A 72 -14.95 -16.24 17.42
C THR A 72 -14.90 -14.81 16.89
N PHE A 73 -13.93 -14.01 17.36
CA PHE A 73 -13.83 -12.61 16.95
C PHE A 73 -13.77 -12.46 15.43
N TRP A 74 -12.83 -13.18 14.78
CA TRP A 74 -12.63 -12.95 13.35
C TRP A 74 -13.72 -13.56 12.50
N ALA A 75 -14.38 -14.62 12.99
CA ALA A 75 -15.51 -15.15 12.24
C ALA A 75 -16.62 -14.12 12.15
N ARG A 76 -16.91 -13.44 13.28
CA ARG A 76 -17.95 -12.42 13.29
C ARG A 76 -17.55 -11.21 12.45
N MET A 77 -16.30 -10.77 12.59
CA MET A 77 -15.81 -9.65 11.79
CA MET A 77 -15.80 -9.65 11.80
C MET A 77 -15.90 -9.93 10.31
N ALA A 78 -15.46 -11.11 9.89
CA ALA A 78 -15.49 -11.48 8.47
C ALA A 78 -16.93 -11.51 7.94
N ARG A 79 -17.86 -12.09 8.70
CA ARG A 79 -19.23 -12.16 8.22
C ARG A 79 -19.95 -10.82 8.31
N ASP A 80 -19.51 -9.92 9.20
CA ASP A 80 -19.98 -8.54 9.15
C ASP A 80 -19.61 -7.87 7.83
N LEU A 81 -18.34 -8.00 7.42
CA LEU A 81 -17.75 -7.08 6.45
C LEU A 81 -17.64 -7.63 5.04
N ILE A 82 -17.62 -8.95 4.86
CA ILE A 82 -17.33 -9.54 3.56
C ILE A 82 -18.48 -10.46 3.17
N THR A 83 -18.90 -10.40 1.91
CA THR A 83 -19.97 -11.27 1.42
C THR A 83 -19.34 -12.49 0.75
N PHE A 84 -19.52 -13.66 1.35
CA PHE A 84 -19.00 -14.92 0.82
C PHE A 84 -20.02 -15.59 -0.10
N GLU A 85 -19.54 -16.18 -1.20
CA GLU A 85 -20.40 -17.05 -1.99
CA GLU A 85 -20.38 -17.07 -2.01
C GLU A 85 -20.74 -18.32 -1.22
N LYS A 86 -19.77 -18.89 -0.54
CA LYS A 86 -19.95 -20.05 0.32
C LYS A 86 -19.31 -19.72 1.67
N ASP A 87 -20.06 -19.90 2.75
CA ASP A 87 -19.57 -19.58 4.09
C ASP A 87 -18.34 -20.44 4.43
N PHE A 88 -17.45 -19.91 5.26
CA PHE A 88 -16.26 -20.66 5.63
C PHE A 88 -16.56 -21.64 6.76
N ASP A 89 -15.77 -22.73 6.84
CA ASP A 89 -15.94 -23.76 7.87
C ASP A 89 -15.16 -23.50 9.15
N LYS A 90 -14.01 -22.85 9.05
CA LYS A 90 -13.15 -22.68 10.21
C LYS A 90 -12.42 -21.36 10.05
N THR A 91 -12.29 -20.63 11.14
CA THR A 91 -11.70 -19.30 11.08
C THR A 91 -10.21 -19.36 10.73
N HIS A 92 -9.46 -20.27 11.36
CA HIS A 92 -8.01 -20.30 11.18
C HIS A 92 -7.45 -21.69 11.46
N ILE A 93 -6.48 -22.11 10.65
CA ILE A 93 -5.65 -23.28 10.91
C ILE A 93 -4.20 -22.90 10.66
N GLY A 94 -3.28 -23.75 11.13
CA GLY A 94 -1.86 -23.47 11.02
C GLY A 94 -1.33 -22.68 12.21
N THR A 95 -0.01 -22.49 12.21
CA THR A 95 0.68 -21.74 13.26
C THR A 95 1.70 -20.82 12.61
N LEU A 96 2.26 -19.90 13.42
CA LEU A 96 3.34 -19.05 12.92
C LEU A 96 4.57 -19.86 12.55
N GLU A 97 5.01 -20.75 13.45
CA GLU A 97 6.22 -21.51 13.19
C GLU A 97 6.05 -22.48 12.03
N GLY A 98 4.83 -22.97 11.81
CA GLY A 98 4.61 -23.86 10.69
C GLY A 98 4.60 -23.16 9.34
N GLY A 99 4.42 -21.85 9.32
CA GLY A 99 4.32 -21.14 8.06
C GLY A 99 3.22 -21.67 7.17
N ASP A 100 2.14 -22.17 7.78
CA ASP A 100 1.05 -22.87 7.09
C ASP A 100 -0.29 -22.22 7.40
N ASN A 101 -0.31 -20.92 7.69
CA ASN A 101 -1.52 -20.28 8.18
C ASN A 101 -2.55 -20.15 7.06
N ALA A 102 -3.79 -20.46 7.39
CA ALA A 102 -4.88 -20.30 6.44
C ALA A 102 -6.09 -19.77 7.20
N TRP A 103 -6.84 -18.83 6.58
CA TRP A 103 -7.94 -18.16 7.27
C TRP A 103 -9.23 -18.30 6.46
N PHE A 104 -10.33 -18.54 7.16
CA PHE A 104 -11.65 -18.70 6.54
C PHE A 104 -11.64 -19.85 5.53
N VAL A 105 -11.02 -20.97 5.94
CA VAL A 105 -10.90 -22.13 5.06
C VAL A 105 -12.28 -22.70 4.77
N GLY A 106 -12.46 -23.21 3.55
CA GLY A 106 -13.75 -23.69 3.10
C GLY A 106 -14.63 -22.60 2.52
N GLY A 107 -14.30 -21.32 2.75
CA GLY A 107 -15.09 -20.24 2.17
C GLY A 107 -14.78 -20.01 0.71
N ARG A 108 -15.74 -19.42 0.01
CA ARG A 108 -15.55 -19.00 -1.39
C ARG A 108 -16.10 -17.60 -1.57
N LEU A 109 -15.44 -16.82 -2.42
CA LEU A 109 -15.79 -15.42 -2.60
C LEU A 109 -15.05 -14.90 -3.82
N ASN A 110 -15.30 -13.64 -4.14
CA ASN A 110 -14.54 -12.94 -5.19
C ASN A 110 -14.31 -11.51 -4.73
N ALA A 111 -13.09 -11.01 -4.93
CA ALA A 111 -12.76 -9.69 -4.44
C ALA A 111 -13.46 -8.60 -5.25
N SER A 112 -13.61 -8.78 -6.56
CA SER A 112 -14.29 -7.72 -7.31
C SER A 112 -15.77 -7.69 -6.99
N PHE A 113 -16.37 -8.85 -6.64
CA PHE A 113 -17.77 -8.83 -6.22
C PHE A 113 -17.94 -7.98 -4.96
N ASN A 114 -17.00 -8.09 -4.02
CA ASN A 114 -17.09 -7.35 -2.77
C ASN A 114 -16.69 -5.88 -2.91
N CYS A 115 -15.89 -5.55 -3.92
CA CYS A 115 -15.53 -4.14 -4.16
C CYS A 115 -16.49 -3.44 -5.11
N VAL A 116 -17.29 -4.17 -5.89
CA VAL A 116 -18.03 -3.55 -6.97
C VAL A 116 -19.47 -4.05 -7.00
N ASP A 117 -19.68 -5.33 -7.35
CA ASP A 117 -21.03 -5.83 -7.61
C ASP A 117 -21.98 -5.53 -6.47
N ARG A 118 -21.59 -5.85 -5.24
CA ARG A 118 -22.58 -5.76 -4.16
C ARG A 118 -22.99 -4.32 -3.93
N HIS A 119 -22.10 -3.36 -4.22
CA HIS A 119 -22.46 -1.94 -4.10
C HIS A 119 -23.26 -1.47 -5.31
N ALA A 120 -22.92 -1.94 -6.51
CA ALA A 120 -23.69 -1.57 -7.69
C ALA A 120 -25.11 -2.14 -7.63
N MET A 121 -25.27 -3.32 -7.02
CA MET A 121 -26.60 -3.92 -6.91
C MET A 121 -27.51 -3.08 -6.00
N ARG A 122 -26.94 -2.47 -4.99
CA ARG A 122 -27.69 -1.68 -4.02
C ARG A 122 -27.88 -0.23 -4.44
N ASP A 123 -26.88 0.36 -5.09
CA ASP A 123 -26.85 1.80 -5.33
C ASP A 123 -26.00 2.07 -6.57
N PRO A 124 -26.53 1.73 -7.75
CA PRO A 124 -25.68 1.81 -8.95
C PRO A 124 -25.13 3.21 -9.21
N ASN A 125 -25.83 4.27 -8.83
CA ASN A 125 -25.38 5.62 -9.16
C ASN A 125 -24.52 6.25 -8.08
N LYS A 126 -24.20 5.54 -7.00
CA LYS A 126 -23.25 6.05 -6.01
C LYS A 126 -21.87 6.20 -6.65
N VAL A 127 -21.18 7.30 -6.34
CA VAL A 127 -19.85 7.52 -6.91
C VAL A 127 -18.84 6.61 -6.23
N ALA A 128 -18.11 5.83 -7.02
CA ALA A 128 -17.09 4.96 -6.47
C ALA A 128 -15.70 5.59 -6.53
N ILE A 129 -15.39 6.27 -7.63
CA ILE A 129 -14.05 6.79 -7.85
C ILE A 129 -14.18 8.24 -8.27
N ILE A 130 -13.39 9.10 -7.64
CA ILE A 130 -13.14 10.45 -8.13
C ILE A 130 -11.76 10.46 -8.74
N TYR A 131 -11.67 10.69 -10.04
CA TYR A 131 -10.38 10.80 -10.71
C TYR A 131 -9.98 12.26 -10.73
N GLU A 132 -8.85 12.59 -10.11
CA GLU A 132 -8.28 13.93 -10.18
C GLU A 132 -7.06 13.84 -11.10
N ALA A 133 -7.16 14.46 -12.27
CA ALA A 133 -6.13 14.32 -13.29
C ALA A 133 -4.96 15.25 -13.01
N ASP A 134 -3.86 15.04 -13.74
CA ASP A 134 -2.67 15.85 -13.55
C ASP A 134 -2.97 17.34 -13.71
N GLU A 135 -3.76 17.70 -14.73
CA GLU A 135 -4.19 19.10 -14.83
C GLU A 135 -5.44 19.32 -14.00
N PRO A 136 -5.49 20.36 -13.17
CA PRO A 136 -6.73 20.66 -12.45
C PRO A 136 -7.86 20.93 -13.42
N GLY A 137 -9.07 20.55 -13.01
CA GLY A 137 -10.25 20.83 -13.79
C GLY A 137 -10.56 19.80 -14.85
N HIS A 138 -9.78 18.73 -14.93
CA HIS A 138 -10.11 17.59 -15.74
C HIS A 138 -10.61 16.50 -14.78
N GLY A 139 -10.41 15.26 -15.13
CA GLY A 139 -10.90 14.20 -14.25
C GLY A 139 -12.40 14.04 -14.37
N ARG A 140 -12.94 13.12 -13.59
CA ARG A 140 -14.33 12.73 -13.72
C ARG A 140 -14.68 11.86 -12.51
N SER A 141 -15.97 11.69 -12.29
CA SER A 141 -16.46 10.80 -11.25
C SER A 141 -17.07 9.56 -11.92
N ILE A 142 -16.84 8.40 -11.31
CA ILE A 142 -17.25 7.11 -11.86
C ILE A 142 -18.15 6.41 -10.84
N THR A 143 -19.35 6.01 -11.27
CA THR A 143 -20.28 5.36 -10.35
C THR A 143 -19.96 3.87 -10.19
N TYR A 144 -20.56 3.24 -9.17
CA TYR A 144 -20.34 1.79 -8.98
C TYR A 144 -20.83 1.01 -10.20
N ALA A 145 -21.95 1.42 -10.81
CA ALA A 145 -22.39 0.74 -12.04
C ALA A 145 -21.42 0.93 -13.20
N GLU A 146 -20.89 2.15 -13.39
CA GLU A 146 -19.88 2.36 -14.43
C GLU A 146 -18.62 1.54 -14.16
N LEU A 147 -18.20 1.48 -12.90
CA LEU A 147 -17.06 0.65 -12.50
C LEU A 147 -17.32 -0.83 -12.80
N LEU A 148 -18.53 -1.34 -12.52
CA LEU A 148 -18.84 -2.73 -12.86
C LEU A 148 -18.68 -2.99 -14.36
N LYS A 149 -19.20 -2.08 -15.19
CA LYS A 149 -19.05 -2.18 -16.64
C LYS A 149 -17.58 -2.24 -17.06
N GLU A 150 -16.75 -1.29 -16.59
CA GLU A 150 -15.35 -1.22 -17.04
C GLU A 150 -14.54 -2.41 -16.54
N VAL A 151 -14.74 -2.83 -15.29
CA VAL A 151 -14.07 -4.03 -14.79
C VAL A 151 -14.49 -5.26 -15.61
N SER A 152 -15.78 -5.36 -15.96
CA SER A 152 -16.28 -6.53 -16.70
C SER A 152 -15.66 -6.62 -18.08
N ARG A 153 -15.67 -5.52 -18.85
CA ARG A 153 -15.24 -5.68 -20.24
C ARG A 153 -13.73 -5.73 -20.34
N LEU A 154 -13.00 -5.14 -19.39
CA LEU A 154 -11.56 -5.38 -19.30
C LEU A 154 -11.28 -6.85 -18.97
N ALA A 155 -12.05 -7.42 -18.03
CA ALA A 155 -11.89 -8.84 -17.75
C ALA A 155 -12.15 -9.68 -19.00
N TRP A 156 -13.17 -9.30 -19.79
CA TRP A 156 -13.42 -9.98 -21.06
C TRP A 156 -12.22 -9.95 -21.99
N VAL A 157 -11.52 -8.80 -22.05
CA VAL A 157 -10.34 -8.71 -22.93
C VAL A 157 -9.30 -9.74 -22.51
N MET A 158 -8.99 -9.79 -21.22
CA MET A 158 -7.96 -10.71 -20.74
C MET A 158 -8.39 -12.15 -20.98
N LYS A 159 -9.63 -12.49 -20.63
CA LYS A 159 -10.14 -13.83 -20.91
CA LYS A 159 -10.12 -13.83 -20.91
C LYS A 159 -10.02 -14.16 -22.39
N SER A 160 -10.37 -13.20 -23.27
CA SER A 160 -10.33 -13.50 -24.70
C SER A 160 -8.90 -13.70 -25.19
N GLN A 161 -7.92 -13.06 -24.56
CA GLN A 161 -6.53 -13.23 -24.95
C GLN A 161 -5.87 -14.41 -24.24
N GLY A 162 -6.64 -15.21 -23.49
CA GLY A 162 -6.13 -16.43 -22.91
C GLY A 162 -5.70 -16.37 -21.46
N VAL A 163 -5.93 -15.24 -20.77
CA VAL A 163 -5.64 -15.18 -19.34
C VAL A 163 -6.61 -16.09 -18.58
N ARG A 164 -6.07 -16.92 -17.69
CA ARG A 164 -6.87 -17.87 -16.94
C ARG A 164 -6.67 -17.70 -15.44
N LYS A 165 -7.62 -18.26 -14.68
CA LYS A 165 -7.53 -18.27 -13.22
C LYS A 165 -6.17 -18.79 -12.79
N GLY A 166 -5.53 -18.06 -11.89
CA GLY A 166 -4.22 -18.46 -11.39
C GLY A 166 -3.02 -17.92 -12.14
N ASP A 167 -3.22 -17.35 -13.34
CA ASP A 167 -2.14 -16.65 -14.03
C ASP A 167 -1.85 -15.31 -13.38
N THR A 168 -0.60 -14.87 -13.47
CA THR A 168 -0.25 -13.52 -13.03
C THR A 168 -0.36 -12.56 -14.20
N VAL A 169 -0.65 -11.29 -13.89
CA VAL A 169 -0.79 -10.22 -14.87
C VAL A 169 0.03 -9.04 -14.40
N ALA A 170 0.95 -8.58 -15.25
CA ALA A 170 1.79 -7.44 -14.92
C ALA A 170 1.04 -6.15 -15.21
N ILE A 171 1.13 -5.20 -14.28
CA ILE A 171 0.47 -3.90 -14.40
C ILE A 171 1.51 -2.80 -14.20
N TYR A 172 1.64 -1.92 -15.21
CA TYR A 172 2.61 -0.83 -15.20
C TYR A 172 1.82 0.43 -15.57
N LEU A 173 1.10 0.97 -14.58
CA LEU A 173 0.11 2.02 -14.80
C LEU A 173 0.32 3.15 -13.79
N PRO A 174 0.10 4.40 -14.21
CA PRO A 174 0.12 5.51 -13.27
C PRO A 174 -1.21 5.64 -12.56
N MET A 175 -1.39 6.70 -11.77
CA MET A 175 -2.61 6.86 -10.97
C MET A 175 -3.74 7.44 -11.81
N ILE A 176 -4.39 6.57 -12.57
CA ILE A 176 -5.61 6.85 -13.33
C ILE A 176 -6.63 5.79 -12.95
N PRO A 177 -7.93 6.07 -13.12
CA PRO A 177 -8.94 5.09 -12.69
C PRO A 177 -8.79 3.75 -13.39
N GLU A 178 -8.20 3.76 -14.59
CA GLU A 178 -7.93 2.49 -15.27
C GLU A 178 -7.02 1.57 -14.45
N ALA A 179 -6.22 2.11 -13.52
CA ALA A 179 -5.42 1.22 -12.67
C ALA A 179 -6.33 0.41 -11.75
N ILE A 180 -7.35 1.04 -11.18
CA ILE A 180 -8.34 0.30 -10.40
C ILE A 180 -9.09 -0.69 -11.27
N PHE A 181 -9.49 -0.29 -12.49
CA PHE A 181 -10.16 -1.23 -13.39
C PHE A 181 -9.32 -2.49 -13.56
N ALA A 182 -7.99 -2.33 -13.69
CA ALA A 182 -7.11 -3.44 -14.00
C ALA A 182 -6.93 -4.38 -12.81
N LEU A 183 -6.65 -3.83 -11.62
CA LEU A 183 -6.58 -4.68 -10.44
C LEU A 183 -7.88 -5.47 -10.27
N LEU A 184 -9.02 -4.80 -10.39
CA LEU A 184 -10.27 -5.49 -10.07
C LEU A 184 -10.70 -6.42 -11.20
N ALA A 185 -10.35 -6.11 -12.45
CA ALA A 185 -10.60 -7.08 -13.52
C ALA A 185 -9.79 -8.35 -13.32
N CYS A 186 -8.51 -8.23 -12.92
CA CYS A 186 -7.73 -9.43 -12.60
C CYS A 186 -8.41 -10.24 -11.51
N ALA A 187 -8.78 -9.58 -10.41
CA ALA A 187 -9.49 -10.25 -9.32
C ALA A 187 -10.75 -10.95 -9.82
N ARG A 188 -11.45 -10.33 -10.76
CA ARG A 188 -12.72 -10.86 -11.20
C ARG A 188 -12.59 -12.20 -11.90
N ILE A 189 -11.49 -12.44 -12.64
CA ILE A 189 -11.29 -13.72 -13.29
C ILE A 189 -10.36 -14.63 -12.51
N GLY A 190 -9.92 -14.19 -11.34
CA GLY A 190 -9.04 -15.02 -10.55
C GLY A 190 -7.60 -15.02 -11.00
N ALA A 191 -7.24 -14.07 -11.87
CA ALA A 191 -5.85 -13.81 -12.19
C ALA A 191 -5.20 -13.07 -11.03
N ILE A 192 -3.89 -13.12 -10.97
CA ILE A 192 -3.14 -12.57 -9.83
C ILE A 192 -2.45 -11.30 -10.32
N HIS A 193 -2.93 -10.13 -9.89
CA HIS A 193 -2.31 -8.91 -10.40
C HIS A 193 -0.94 -8.69 -9.75
N SER A 194 0.00 -8.19 -10.56
CA SER A 194 1.37 -7.93 -10.11
C SER A 194 1.71 -6.51 -10.54
N VAL A 195 1.41 -5.55 -9.68
CA VAL A 195 1.55 -4.13 -9.99
C VAL A 195 3.01 -3.72 -9.84
N VAL A 196 3.55 -3.05 -10.85
CA VAL A 196 4.92 -2.53 -10.83
C VAL A 196 4.84 -1.01 -10.89
N PHE A 197 5.38 -0.35 -9.85
CA PHE A 197 5.38 1.10 -9.77
C PHE A 197 5.82 1.72 -11.09
N ALA A 198 5.02 2.67 -11.59
CA ALA A 198 5.26 3.21 -12.92
C ALA A 198 6.50 4.12 -13.00
N GLY A 199 7.23 4.31 -11.92
CA GLY A 199 8.50 5.01 -11.97
C GLY A 199 9.71 4.10 -12.02
N PHE A 200 9.51 2.77 -11.99
CA PHE A 200 10.62 1.84 -12.09
C PHE A 200 11.21 1.86 -13.50
N SER A 201 12.50 1.54 -13.58
CA SER A 201 13.21 1.41 -14.84
C SER A 201 12.81 0.13 -15.57
N SER A 202 13.29 -0.01 -16.81
CA SER A 202 12.96 -1.21 -17.57
C SER A 202 13.55 -2.46 -16.93
N ASP A 203 14.77 -2.37 -16.38
CA ASP A 203 15.36 -3.53 -15.71
C ASP A 203 14.50 -3.98 -14.54
N SER A 204 14.05 -3.04 -13.71
CA SER A 204 13.22 -3.40 -12.56
C SER A 204 11.88 -3.99 -12.99
N LEU A 205 11.27 -3.42 -14.02
CA LEU A 205 10.03 -3.97 -14.55
C LEU A 205 10.25 -5.38 -15.11
N ARG A 206 11.36 -5.55 -15.82
CA ARG A 206 11.71 -6.87 -16.36
C ARG A 206 11.88 -7.90 -15.26
N ASP A 207 12.65 -7.56 -14.21
CA ASP A 207 12.90 -8.52 -13.14
C ASP A 207 11.61 -9.04 -12.54
N ARG A 208 10.70 -8.11 -12.20
CA ARG A 208 9.44 -8.48 -11.54
C ARG A 208 8.52 -9.26 -12.48
N THR A 209 8.49 -8.89 -13.76
CA THR A 209 7.64 -9.58 -14.73
C THR A 209 8.16 -10.99 -15.02
N LEU A 210 9.49 -11.15 -15.09
CA LEU A 210 10.09 -12.46 -15.24
C LEU A 210 9.79 -13.35 -14.04
N ASP A 211 10.04 -12.83 -12.84
CA ASP A 211 9.82 -13.65 -11.65
C ASP A 211 8.36 -14.04 -11.51
N ALA A 212 7.44 -13.16 -11.89
CA ALA A 212 6.03 -13.52 -11.79
C ALA A 212 5.58 -14.43 -12.91
N ARG A 213 6.40 -14.59 -13.95
CA ARG A 213 6.06 -15.39 -15.14
C ARG A 213 4.75 -14.91 -15.78
N SER A 214 4.57 -13.60 -15.89
CA SER A 214 3.33 -13.06 -16.45
C SER A 214 3.34 -13.19 -17.97
N LYS A 215 2.19 -13.52 -18.54
CA LYS A 215 2.07 -13.63 -19.99
C LYS A 215 1.35 -12.43 -20.60
N PHE A 216 0.82 -11.53 -19.76
CA PHE A 216 -0.03 -10.41 -20.15
C PHE A 216 0.41 -9.21 -19.35
N ILE A 217 0.50 -8.05 -19.99
CA ILE A 217 0.88 -6.82 -19.31
C ILE A 217 -0.05 -5.69 -19.75
N ILE A 218 -0.35 -4.80 -18.81
CA ILE A 218 -1.23 -3.64 -19.04
C ILE A 218 -0.43 -2.37 -18.73
N THR A 219 -0.43 -1.42 -19.66
CA THR A 219 0.30 -0.17 -19.43
C THR A 219 -0.39 0.97 -20.17
N THR A 220 0.24 2.15 -20.15
CA THR A 220 -0.24 3.33 -20.87
C THR A 220 0.72 3.68 -21.99
N ASP A 221 0.24 4.47 -22.95
CA ASP A 221 1.18 4.98 -23.95
C ASP A 221 2.21 5.88 -23.28
N GLU A 222 1.75 6.81 -22.46
CA GLU A 222 2.57 7.71 -21.67
C GLU A 222 1.84 8.01 -20.36
N GLY A 223 2.61 8.41 -19.35
CA GLY A 223 2.06 8.99 -18.14
C GLY A 223 2.26 10.50 -18.12
N LYS A 224 1.36 11.21 -17.44
CA LYS A 224 1.52 12.63 -17.17
C LYS A 224 1.49 12.83 -15.66
N ARG A 225 2.57 13.36 -15.11
CA ARG A 225 2.62 13.64 -13.68
C ARG A 225 3.38 14.93 -13.44
N GLY A 226 2.74 15.88 -12.77
CA GLY A 226 3.37 17.17 -12.53
C GLY A 226 3.73 17.89 -13.80
N GLY A 227 2.92 17.73 -14.86
CA GLY A 227 3.22 18.35 -16.14
C GLY A 227 4.33 17.72 -16.93
N LYS A 228 4.87 16.60 -16.48
CA LYS A 228 5.97 15.92 -17.17
C LYS A 228 5.47 14.63 -17.80
N VAL A 229 6.03 14.30 -18.97
CA VAL A 229 5.69 13.09 -19.71
C VAL A 229 6.61 11.96 -19.25
N ILE A 230 6.03 10.77 -19.07
CA ILE A 230 6.77 9.56 -18.75
C ILE A 230 6.53 8.59 -19.90
N GLY A 231 7.61 8.17 -20.56
CA GLY A 231 7.49 7.25 -21.67
C GLY A 231 7.27 5.83 -21.23
N THR A 232 6.06 5.50 -20.74
CA THR A 232 5.82 4.16 -20.22
C THR A 232 5.93 3.11 -21.31
N LYS A 233 5.36 3.38 -22.49
CA LYS A 233 5.37 2.35 -23.53
C LYS A 233 6.79 2.01 -23.96
N LYS A 234 7.66 3.02 -24.06
CA LYS A 234 9.05 2.74 -24.43
C LYS A 234 9.76 1.91 -23.37
N ILE A 235 9.49 2.21 -22.10
CA ILE A 235 10.11 1.44 -21.01
C ILE A 235 9.62 -0.01 -21.04
N VAL A 236 8.31 -0.21 -21.24
CA VAL A 236 7.77 -1.56 -21.35
C VAL A 236 8.38 -2.28 -22.55
N ASP A 237 8.50 -1.60 -23.69
CA ASP A 237 9.08 -2.22 -24.87
C ASP A 237 10.48 -2.74 -24.58
N GLU A 238 11.31 -1.92 -23.93
CA GLU A 238 12.67 -2.37 -23.60
C GLU A 238 12.64 -3.58 -22.69
N ALA A 239 11.79 -3.56 -21.64
CA ALA A 239 11.69 -4.67 -20.71
C ALA A 239 11.23 -5.95 -21.39
N LEU A 240 10.27 -5.85 -22.32
CA LEU A 240 9.68 -7.03 -22.93
C LEU A 240 10.61 -7.76 -23.90
N LYS A 241 11.70 -7.12 -24.34
CA LYS A 241 12.70 -7.82 -25.13
C LYS A 241 13.33 -8.96 -24.36
N GLN A 242 13.25 -8.92 -23.03
CA GLN A 242 13.82 -9.93 -22.16
C GLN A 242 12.75 -10.68 -21.38
N CYS A 243 11.47 -10.53 -21.74
CA CYS A 243 10.36 -11.27 -21.14
C CYS A 243 9.65 -12.05 -22.25
N PRO A 244 10.25 -13.14 -22.73
CA PRO A 244 9.68 -13.84 -23.89
C PRO A 244 8.33 -14.51 -23.60
N ASP A 245 7.91 -14.61 -22.34
CA ASP A 245 6.61 -15.19 -22.03
C ASP A 245 5.45 -14.23 -22.26
N VAL A 246 5.68 -12.93 -22.36
CA VAL A 246 4.59 -11.98 -22.54
C VAL A 246 4.16 -12.00 -24.00
N THR A 247 2.90 -12.35 -24.24
CA THR A 247 2.39 -12.44 -25.60
C THR A 247 1.35 -11.38 -25.93
N ASN A 248 0.87 -10.62 -24.94
CA ASN A 248 -0.10 -9.55 -25.16
C ASN A 248 0.26 -8.36 -24.29
N CYS A 249 0.17 -7.16 -24.87
CA CYS A 249 0.43 -5.92 -24.13
C CYS A 249 -0.70 -4.95 -24.41
N LEU A 250 -1.57 -4.75 -23.43
CA LEU A 250 -2.73 -3.88 -23.57
C LEU A 250 -2.36 -2.44 -23.18
N VAL A 251 -2.53 -1.51 -24.10
CA VAL A 251 -2.05 -0.14 -23.94
C VAL A 251 -3.26 0.79 -23.85
N PHE A 252 -3.36 1.51 -22.73
CA PHE A 252 -4.34 2.56 -22.59
C PHE A 252 -3.82 3.86 -23.20
N LYS A 253 -4.65 4.52 -24.02
CA LYS A 253 -4.26 5.76 -24.68
C LYS A 253 -4.50 6.93 -23.72
N ARG A 254 -3.49 7.24 -22.91
CA ARG A 254 -3.59 8.33 -21.94
C ARG A 254 -3.28 9.69 -22.57
N THR A 255 -2.23 9.78 -23.41
CA THR A 255 -1.86 11.05 -24.04
C THR A 255 -2.13 11.11 -25.54
N GLY A 256 -2.26 9.97 -26.22
CA GLY A 256 -2.41 9.99 -27.66
C GLY A 256 -1.14 10.26 -28.44
N ALA A 257 0.02 10.23 -27.80
CA ALA A 257 1.26 10.50 -28.52
C ALA A 257 1.66 9.28 -29.34
N ASP A 258 2.38 9.53 -30.43
CA ASP A 258 2.92 8.44 -31.24
C ASP A 258 3.89 7.62 -30.42
N VAL A 259 3.58 6.34 -30.23
CA VAL A 259 4.48 5.43 -29.49
C VAL A 259 4.80 4.26 -30.39
N PRO A 260 5.93 3.58 -30.15
CA PRO A 260 6.24 2.38 -30.93
C PRO A 260 5.16 1.34 -30.75
N TRP A 261 4.96 0.53 -31.79
CA TRP A 261 3.86 -0.41 -31.79
C TRP A 261 4.33 -1.73 -32.36
N THR A 262 4.01 -2.80 -31.65
CA THR A 262 4.41 -4.14 -32.05
C THR A 262 3.15 -4.88 -32.51
N LYS A 263 2.97 -4.94 -33.84
CA LYS A 263 1.85 -5.67 -34.40
C LYS A 263 1.88 -7.11 -33.91
N GLY A 264 0.71 -7.68 -33.65
CA GLY A 264 0.63 -9.05 -33.17
C GLY A 264 0.85 -9.23 -31.68
N ARG A 265 1.29 -8.21 -30.98
CA ARG A 265 1.44 -8.26 -29.53
C ARG A 265 0.71 -7.13 -28.83
N ASP A 266 0.80 -5.91 -29.35
CA ASP A 266 0.22 -4.76 -28.69
C ASP A 266 -1.26 -4.65 -29.07
N LEU A 267 -2.09 -4.22 -28.10
CA LEU A 267 -3.51 -4.02 -28.32
C LEU A 267 -3.91 -2.70 -27.66
N TRP A 268 -4.84 -1.98 -28.27
CA TRP A 268 -5.35 -0.74 -27.70
C TRP A 268 -6.51 -1.06 -26.75
N TRP A 269 -6.41 -0.53 -25.54
CA TRP A 269 -7.45 -0.73 -24.53
C TRP A 269 -8.83 -0.34 -25.08
N HIS A 270 -8.94 0.87 -25.64
CA HIS A 270 -10.25 1.35 -26.08
C HIS A 270 -10.80 0.53 -27.25
N GLU A 271 -9.93 0.04 -28.14
CA GLU A 271 -10.40 -0.82 -29.23
C GLU A 271 -10.89 -2.17 -28.71
N GLU A 272 -10.19 -2.76 -27.73
CA GLU A 272 -10.57 -4.11 -27.32
C GLU A 272 -11.83 -4.11 -26.45
N VAL A 273 -11.95 -3.19 -25.47
CA VAL A 273 -13.11 -3.25 -24.57
C VAL A 273 -14.41 -3.00 -25.34
N ASP A 274 -14.34 -2.22 -26.42
CA ASP A 274 -15.54 -1.96 -27.20
CA ASP A 274 -15.46 -1.94 -27.31
C ASP A 274 -16.11 -3.21 -27.84
N LYS A 275 -15.36 -4.31 -27.90
CA LYS A 275 -15.84 -5.54 -28.52
C LYS A 275 -16.69 -6.40 -27.58
N TYR A 276 -16.59 -6.17 -26.28
CA TYR A 276 -17.06 -7.14 -25.31
C TYR A 276 -18.21 -6.61 -24.45
N PRO A 277 -19.00 -7.52 -23.86
CA PRO A 277 -20.16 -7.10 -23.07
C PRO A 277 -19.78 -6.27 -21.84
N ASN A 278 -20.78 -5.61 -21.27
CA ASN A 278 -20.61 -4.71 -20.14
C ASN A 278 -20.81 -5.43 -18.81
N TYR A 279 -21.02 -6.74 -18.83
CA TYR A 279 -21.07 -7.57 -17.64
C TYR A 279 -20.32 -8.86 -17.93
N LEU A 280 -19.67 -9.38 -16.89
CA LEU A 280 -19.02 -10.67 -16.93
C LEU A 280 -19.22 -11.29 -15.55
N PRO A 281 -19.55 -12.58 -15.48
CA PRO A 281 -19.59 -13.27 -14.18
C PRO A 281 -18.26 -13.17 -13.45
N ALA A 282 -18.32 -13.21 -12.14
CA ALA A 282 -17.12 -13.23 -11.30
C ALA A 282 -16.73 -14.67 -11.01
N GLU A 283 -15.44 -14.96 -11.13
CA GLU A 283 -14.94 -16.30 -10.88
C GLU A 283 -15.01 -16.63 -9.38
N SER A 284 -15.53 -17.82 -9.05
CA SER A 284 -15.60 -18.28 -7.64
C SER A 284 -14.21 -18.64 -7.12
N MET A 285 -13.71 -17.90 -6.12
CA MET A 285 -12.37 -18.10 -5.58
C MET A 285 -12.39 -18.70 -4.18
N ASP A 286 -11.39 -19.55 -3.90
CA ASP A 286 -11.17 -20.01 -2.53
C ASP A 286 -10.67 -18.85 -1.66
N SER A 287 -11.04 -18.88 -0.36
CA SER A 287 -10.47 -17.90 0.57
C SER A 287 -8.96 -17.82 0.46
N GLU A 288 -8.30 -18.94 0.17
CA GLU A 288 -6.84 -18.98 0.14
C GLU A 288 -6.27 -19.00 -1.27
N ASP A 289 -7.07 -18.73 -2.30
CA ASP A 289 -6.46 -18.48 -3.60
C ASP A 289 -5.66 -17.18 -3.58
N PRO A 290 -4.54 -17.13 -4.31
CA PRO A 290 -3.78 -15.87 -4.40
C PRO A 290 -4.61 -14.75 -5.02
N LEU A 291 -4.51 -13.57 -4.42
CA LEU A 291 -5.13 -12.35 -4.91
C LEU A 291 -4.13 -11.46 -5.63
N PHE A 292 -2.96 -11.19 -5.05
CA PHE A 292 -1.95 -10.42 -5.77
C PHE A 292 -0.54 -10.72 -5.26
N LEU A 293 0.43 -10.35 -6.11
CA LEU A 293 1.85 -10.26 -5.75
C LEU A 293 2.26 -8.79 -5.69
N LEU A 294 3.03 -8.43 -4.69
CA LEU A 294 3.57 -7.08 -4.59
C LEU A 294 5.06 -7.19 -4.30
N TYR A 295 5.89 -6.90 -5.31
CA TYR A 295 7.33 -7.01 -5.13
C TYR A 295 7.84 -5.89 -4.24
N THR A 296 8.61 -6.27 -3.24
CA THR A 296 9.29 -5.34 -2.36
C THR A 296 10.78 -5.62 -2.39
N SER A 297 11.57 -4.62 -2.05
CA SER A 297 12.99 -4.82 -1.88
C SER A 297 13.26 -5.40 -0.49
N GLY A 298 13.96 -6.53 -0.44
CA GLY A 298 14.46 -7.07 0.80
C GLY A 298 15.96 -6.77 0.95
N SER A 299 16.48 -7.17 2.10
CA SER A 299 17.89 -6.91 2.40
C SER A 299 18.83 -7.64 1.46
N THR A 300 18.40 -8.73 0.82
CA THR A 300 19.26 -9.43 -0.13
C THR A 300 19.45 -8.63 -1.41
N GLY A 301 18.45 -7.82 -1.80
CA GLY A 301 18.49 -7.07 -3.03
C GLY A 301 17.62 -7.65 -4.13
N LYS A 302 17.45 -8.98 -4.15
CA LYS A 302 16.56 -9.59 -5.12
C LYS A 302 15.11 -9.33 -4.70
N PRO A 303 14.25 -8.87 -5.62
CA PRO A 303 12.89 -8.51 -5.23
C PRO A 303 12.13 -9.71 -4.66
N LYS A 304 11.42 -9.46 -3.57
CA LYS A 304 10.53 -10.43 -2.94
C LYS A 304 9.13 -10.22 -3.46
N GLY A 305 8.59 -11.20 -4.18
CA GLY A 305 7.19 -11.19 -4.53
C GLY A 305 6.28 -11.57 -3.38
N VAL A 306 5.93 -10.59 -2.54
CA VAL A 306 5.08 -10.84 -1.38
C VAL A 306 3.67 -11.19 -1.86
N MET A 307 3.17 -12.36 -1.45
CA MET A 307 1.89 -12.87 -1.95
CA MET A 307 1.89 -12.87 -1.95
C MET A 307 0.82 -12.78 -0.87
N HIS A 308 -0.30 -12.13 -1.22
CA HIS A 308 -1.50 -12.10 -0.39
C HIS A 308 -2.60 -12.94 -1.02
N THR A 309 -3.31 -13.69 -0.19
CA THR A 309 -4.45 -14.45 -0.68
C THR A 309 -5.71 -13.59 -0.50
N THR A 310 -6.89 -14.19 -0.53
CA THR A 310 -8.09 -13.42 -0.83
C THR A 310 -8.88 -13.02 0.41
N ALA A 311 -9.47 -13.98 1.14
CA ALA A 311 -10.42 -13.60 2.20
C ALA A 311 -9.74 -12.85 3.34
N GLY A 312 -8.63 -13.37 3.87
CA GLY A 312 -8.02 -12.72 5.02
C GLY A 312 -7.54 -11.31 4.70
N TYR A 313 -6.95 -11.13 3.52
CA TYR A 313 -6.52 -9.81 3.11
C TYR A 313 -7.70 -8.84 3.05
N LEU A 314 -8.82 -9.27 2.46
CA LEU A 314 -9.96 -8.37 2.33
C LEU A 314 -10.57 -8.07 3.70
N VAL A 315 -10.63 -9.06 4.58
CA VAL A 315 -11.13 -8.82 5.93
C VAL A 315 -10.27 -7.77 6.65
N GLY A 316 -8.94 -7.92 6.58
CA GLY A 316 -8.06 -6.92 7.19
C GLY A 316 -8.22 -5.55 6.58
N ALA A 317 -8.38 -5.47 5.26
CA ALA A 317 -8.52 -4.17 4.60
C ALA A 317 -9.79 -3.48 5.03
N ALA A 318 -10.91 -4.21 4.99
CA ALA A 318 -12.19 -3.66 5.42
C ALA A 318 -12.18 -3.31 6.90
N ALA A 319 -11.60 -4.18 7.73
CA ALA A 319 -11.63 -3.93 9.17
C ALA A 319 -10.83 -2.68 9.53
N THR A 320 -9.63 -2.52 8.94
CA THR A 320 -8.85 -1.32 9.22
C THR A 320 -9.49 -0.08 8.60
N GLY A 321 -10.01 -0.19 7.38
CA GLY A 321 -10.71 0.94 6.78
C GLY A 321 -11.84 1.43 7.66
N LYS A 322 -12.60 0.51 8.22
CA LYS A 322 -13.74 0.88 9.05
C LYS A 322 -13.29 1.43 10.41
N TYR A 323 -12.44 0.71 11.12
CA TYR A 323 -12.15 1.05 12.51
C TYR A 323 -10.92 1.94 12.69
N VAL A 324 -9.96 1.90 11.79
CA VAL A 324 -8.83 2.82 11.89
C VAL A 324 -9.19 4.16 11.28
N PHE A 325 -9.79 4.14 10.09
CA PHE A 325 -10.07 5.35 9.35
C PHE A 325 -11.52 5.82 9.48
N ASP A 326 -12.34 5.13 10.27
CA ASP A 326 -13.70 5.59 10.55
C ASP A 326 -14.50 5.77 9.25
N ILE A 327 -14.34 4.82 8.34
CA ILE A 327 -14.95 4.95 7.02
C ILE A 327 -16.43 4.55 7.08
N HIS A 328 -17.29 5.45 6.61
CA HIS A 328 -18.70 5.25 6.41
CA HIS A 328 -18.71 5.26 6.42
C HIS A 328 -19.03 5.34 4.92
N PRO A 329 -20.13 4.69 4.47
CA PRO A 329 -20.40 4.66 3.02
C PRO A 329 -20.43 6.02 2.33
N ALA A 330 -20.90 7.09 3.00
CA ALA A 330 -20.95 8.39 2.33
C ALA A 330 -19.59 9.09 2.24
N ASP A 331 -18.56 8.57 2.91
CA ASP A 331 -17.28 9.25 2.98
C ASP A 331 -16.61 9.39 1.60
N ARG A 332 -15.69 10.35 1.52
CA ARG A 332 -14.84 10.57 0.36
C ARG A 332 -13.40 10.44 0.84
N PHE A 333 -12.78 9.31 0.52
CA PHE A 333 -11.49 8.91 1.07
C PHE A 333 -10.38 9.19 0.07
N PHE A 334 -9.33 9.87 0.52
CA PHE A 334 -8.23 10.30 -0.34
C PHE A 334 -6.91 9.80 0.26
N CYS A 335 -6.35 8.77 -0.34
CA CYS A 335 -5.00 8.33 -0.01
C CYS A 335 -4.04 8.85 -1.08
N GLY A 336 -2.97 9.52 -0.64
CA GLY A 336 -1.99 10.08 -1.54
C GLY A 336 -0.92 9.13 -2.03
N GLY A 337 -0.99 7.85 -1.68
CA GLY A 337 0.04 6.92 -2.09
C GLY A 337 -0.23 6.29 -3.45
N ASP A 338 0.82 5.74 -4.06
CA ASP A 338 0.76 5.19 -5.40
C ASP A 338 0.31 3.73 -5.37
N VAL A 339 -0.48 3.34 -6.38
CA VAL A 339 -0.95 1.96 -6.47
C VAL A 339 0.22 0.97 -6.58
N GLY A 340 1.43 1.45 -6.91
CA GLY A 340 2.59 0.59 -6.98
C GLY A 340 3.12 0.11 -5.64
N TRP A 341 2.62 0.64 -4.53
CA TRP A 341 3.04 0.24 -3.19
C TRP A 341 1.82 -0.28 -2.41
N ILE A 342 2.10 -0.92 -1.27
CA ILE A 342 1.02 -1.56 -0.52
C ILE A 342 0.02 -0.53 -0.01
N THR A 343 0.46 0.68 0.30
CA THR A 343 -0.49 1.71 0.73
C THR A 343 -1.55 1.96 -0.34
N GLY A 344 -1.13 2.08 -1.59
CA GLY A 344 -2.10 2.25 -2.66
C GLY A 344 -2.99 1.03 -2.83
N HIS A 345 -2.42 -0.17 -2.73
CA HIS A 345 -3.23 -1.40 -2.82
C HIS A 345 -4.34 -1.38 -1.79
N THR A 346 -3.98 -1.22 -0.51
CA THR A 346 -4.97 -1.48 0.52
C THR A 346 -5.89 -0.29 0.74
N TYR A 347 -5.39 0.93 0.55
CA TYR A 347 -6.18 2.08 0.97
C TYR A 347 -6.58 3.04 -0.14
N VAL A 348 -5.96 3.00 -1.32
CA VAL A 348 -6.62 3.64 -2.47
C VAL A 348 -7.70 2.73 -3.03
N VAL A 349 -7.43 1.41 -3.11
CA VAL A 349 -8.29 0.47 -3.81
C VAL A 349 -9.16 -0.35 -2.85
N TYR A 350 -8.58 -1.32 -2.14
CA TYR A 350 -9.43 -2.37 -1.59
C TYR A 350 -10.30 -1.88 -0.43
N ALA A 351 -9.71 -1.27 0.60
CA ALA A 351 -10.52 -0.92 1.77
C ALA A 351 -11.69 -0.01 1.43
N PRO A 352 -11.51 1.13 0.74
CA PRO A 352 -12.68 2.00 0.54
C PRO A 352 -13.74 1.37 -0.34
N LEU A 353 -13.36 0.70 -1.41
CA LEU A 353 -14.36 0.05 -2.27
C LEU A 353 -15.03 -1.12 -1.56
N LEU A 354 -14.28 -1.95 -0.81
CA LEU A 354 -14.93 -2.96 0.02
C LEU A 354 -16.06 -2.37 0.87
N LEU A 355 -15.80 -1.19 1.45
CA LEU A 355 -16.76 -0.59 2.37
C LEU A 355 -17.83 0.22 1.66
N GLY A 356 -17.71 0.42 0.35
CA GLY A 356 -18.73 1.07 -0.44
C GLY A 356 -18.72 2.58 -0.40
N CYS A 357 -17.58 3.20 -0.06
CA CYS A 357 -17.52 4.65 -0.07
C CYS A 357 -16.87 5.10 -1.37
N THR A 358 -16.48 6.37 -1.43
CA THR A 358 -15.81 6.94 -2.59
C THR A 358 -14.30 7.01 -2.34
N THR A 359 -13.49 6.68 -3.35
CA THR A 359 -12.05 6.80 -3.23
C THR A 359 -11.52 7.74 -4.32
N VAL A 360 -10.48 8.52 -3.97
CA VAL A 360 -9.89 9.52 -4.85
C VAL A 360 -8.63 8.95 -5.48
N VAL A 361 -8.58 8.96 -6.82
CA VAL A 361 -7.41 8.56 -7.58
C VAL A 361 -6.77 9.83 -8.10
N PHE A 362 -5.57 10.14 -7.59
CA PHE A 362 -4.91 11.44 -7.79
C PHE A 362 -3.68 11.24 -8.66
N GLU A 363 -3.71 11.84 -9.85
CA GLU A 363 -2.68 11.63 -10.85
C GLU A 363 -1.48 12.57 -10.70
N SER A 364 -1.60 13.66 -9.96
CA SER A 364 -0.59 14.70 -10.00
C SER A 364 0.40 14.52 -8.84
N THR A 365 1.12 15.58 -8.50
CA THR A 365 2.01 15.68 -7.35
C THR A 365 1.49 16.77 -6.41
N PRO A 366 1.89 16.75 -5.14
CA PRO A 366 1.43 17.81 -4.23
C PRO A 366 1.93 19.21 -4.59
N ALA A 367 2.80 19.34 -5.61
CA ALA A 367 3.37 20.63 -5.95
C ALA A 367 2.95 21.16 -7.32
N TYR A 368 2.08 20.46 -8.04
CA TYR A 368 1.68 20.89 -9.36
C TYR A 368 0.18 21.17 -9.40
N PRO A 369 -0.27 22.34 -9.90
CA PRO A 369 0.53 23.44 -10.45
C PRO A 369 1.29 24.21 -9.38
N ASN A 370 0.88 24.05 -8.12
CA ASN A 370 1.51 24.82 -7.04
C ASN A 370 1.40 24.01 -5.76
N PHE A 371 1.95 24.55 -4.68
CA PHE A 371 1.97 23.76 -3.45
C PHE A 371 0.60 23.66 -2.77
N SER A 372 -0.43 24.32 -3.29
CA SER A 372 -1.77 24.21 -2.71
C SER A 372 -2.53 22.96 -3.16
N ARG A 373 -1.96 22.14 -4.04
CA ARG A 373 -2.77 21.20 -4.82
C ARG A 373 -3.52 20.21 -3.94
N TYR A 374 -2.86 19.62 -2.94
CA TYR A 374 -3.54 18.65 -2.07
C TYR A 374 -4.83 19.24 -1.50
N TRP A 375 -4.76 20.47 -0.99
CA TRP A 375 -5.90 21.12 -0.34
C TRP A 375 -6.92 21.61 -1.34
N ASP A 376 -6.48 22.07 -2.53
CA ASP A 376 -7.40 22.27 -3.64
C ASP A 376 -8.27 21.04 -3.86
N VAL A 377 -7.65 19.87 -3.87
CA VAL A 377 -8.37 18.63 -4.17
C VAL A 377 -9.33 18.29 -3.04
N ILE A 378 -8.85 18.38 -1.80
CA ILE A 378 -9.68 18.05 -0.65
C ILE A 378 -10.88 18.98 -0.55
N GLU A 379 -10.67 20.27 -0.81
CA GLU A 379 -11.77 21.23 -0.74
C GLU A 379 -12.79 20.99 -1.85
N LYS A 380 -12.32 20.77 -3.09
CA LYS A 380 -13.24 20.63 -4.20
C LYS A 380 -14.13 19.41 -4.05
N HIS A 381 -13.55 18.28 -3.64
CA HIS A 381 -14.28 17.02 -3.57
C HIS A 381 -14.83 16.74 -2.18
N LYS A 382 -14.63 17.64 -1.22
CA LYS A 382 -15.15 17.52 0.15
C LYS A 382 -14.64 16.24 0.81
N VAL A 383 -13.32 16.06 0.76
CA VAL A 383 -12.70 14.85 1.27
C VAL A 383 -12.85 14.77 2.78
N THR A 384 -13.12 13.57 3.27
CA THR A 384 -13.38 13.30 4.69
C THR A 384 -12.19 12.70 5.41
N GLN A 385 -11.34 11.94 4.72
CA GLN A 385 -10.12 11.38 5.29
C GLN A 385 -8.99 11.56 4.28
N PHE A 386 -7.83 11.98 4.76
CA PHE A 386 -6.64 12.15 3.94
C PHE A 386 -5.50 11.36 4.55
N TYR A 387 -4.75 10.66 3.70
CA TYR A 387 -3.73 9.69 4.10
C TYR A 387 -2.46 9.94 3.30
N VAL A 388 -1.38 10.36 3.97
CA VAL A 388 -0.15 10.72 3.28
C VAL A 388 1.07 10.26 4.09
N ALA A 389 2.32 10.44 3.46
CA ALA A 389 3.60 10.12 4.06
C ALA A 389 4.25 11.37 4.62
N PRO A 390 5.00 11.24 5.72
CA PRO A 390 5.66 12.43 6.29
C PRO A 390 6.65 13.10 5.36
N THR A 391 7.16 12.39 4.35
CA THR A 391 8.04 13.04 3.39
C THR A 391 7.32 14.17 2.67
N ALA A 392 6.10 13.90 2.20
CA ALA A 392 5.31 14.93 1.55
C ALA A 392 4.98 16.06 2.52
N LEU A 393 4.65 15.73 3.77
CA LEU A 393 4.37 16.78 4.74
C LEU A 393 5.59 17.68 4.97
N ARG A 394 6.78 17.10 5.07
CA ARG A 394 7.96 17.94 5.27
C ARG A 394 8.19 18.86 4.07
N LEU A 395 8.08 18.32 2.86
CA LEU A 395 8.17 19.11 1.63
C LEU A 395 7.25 20.32 1.69
N LEU A 396 5.99 20.09 2.10
CA LEU A 396 5.00 21.15 2.10
C LEU A 396 5.22 22.13 3.23
N LYS A 397 5.71 21.65 4.37
CA LYS A 397 6.02 22.54 5.48
C LYS A 397 7.13 23.50 5.11
N ARG A 398 8.18 23.00 4.45
CA ARG A 398 9.22 23.90 3.95
C ARG A 398 8.67 24.90 2.92
N ALA A 399 7.56 24.59 2.26
CA ALA A 399 7.04 25.48 1.23
C ALA A 399 6.36 26.70 1.81
N GLY A 400 5.76 26.57 3.00
CA GLY A 400 5.23 27.73 3.70
C GLY A 400 3.73 27.65 3.93
N ASP A 401 3.26 28.16 5.07
CA ASP A 401 1.85 28.02 5.42
C ASP A 401 0.92 28.86 4.55
N HIS A 402 1.45 29.81 3.76
CA HIS A 402 0.56 30.60 2.91
C HIS A 402 -0.06 29.78 1.79
N HIS A 403 0.45 28.58 1.51
CA HIS A 403 -0.13 27.73 0.48
C HIS A 403 -1.40 27.02 0.96
N ILE A 404 -1.73 27.10 2.25
CA ILE A 404 -2.89 26.43 2.82
C ILE A 404 -3.85 27.51 3.28
N ASN A 405 -4.99 27.64 2.58
CA ASN A 405 -6.04 28.60 2.91
C ASN A 405 -7.33 28.02 2.31
N HIS A 406 -7.74 26.90 2.89
CA HIS A 406 -8.83 26.08 2.38
C HIS A 406 -9.70 25.65 3.55
N GLU A 407 -11.02 25.83 3.42
CA GLU A 407 -11.92 25.46 4.51
C GLU A 407 -11.81 23.98 4.86
N MET A 408 -11.97 23.10 3.85
CA MET A 408 -11.91 21.65 4.07
C MET A 408 -12.78 21.25 5.26
N LYS A 409 -14.06 21.60 5.16
CA LYS A 409 -14.99 21.47 6.27
C LYS A 409 -15.15 20.02 6.73
N ASP A 410 -15.11 19.07 5.80
CA ASP A 410 -15.42 17.70 6.11
C ASP A 410 -14.21 16.87 6.51
N LEU A 411 -13.02 17.48 6.57
CA LEU A 411 -11.79 16.72 6.78
C LEU A 411 -11.67 16.38 8.26
N ARG A 412 -11.91 15.12 8.63
CA ARG A 412 -11.91 14.75 10.05
C ARG A 412 -10.86 13.72 10.46
N ILE A 413 -10.21 13.01 9.51
CA ILE A 413 -9.15 12.07 9.81
C ILE A 413 -7.92 12.45 8.99
N LEU A 414 -6.75 12.52 9.63
CA LEU A 414 -5.49 12.83 8.96
C LEU A 414 -4.52 11.67 9.18
N GLY A 415 -4.37 10.81 8.17
CA GLY A 415 -3.49 9.67 8.31
C GLY A 415 -2.05 9.94 7.90
N SER A 416 -1.14 9.17 8.48
CA SER A 416 0.28 9.26 8.21
C SER A 416 0.86 7.85 8.19
N VAL A 417 1.71 7.57 7.20
CA VAL A 417 2.28 6.23 7.02
C VAL A 417 3.72 6.36 6.55
N GLY A 418 4.58 5.45 7.02
CA GLY A 418 5.89 5.21 6.41
C GLY A 418 7.06 5.43 7.35
N GLU A 419 6.93 6.39 8.26
CA GLU A 419 7.93 6.68 9.27
C GLU A 419 7.21 7.38 10.41
N PRO A 420 7.84 7.51 11.57
CA PRO A 420 7.17 8.22 12.66
C PRO A 420 7.02 9.68 12.31
N ILE A 421 5.80 10.21 12.47
CA ILE A 421 5.55 11.63 12.21
C ILE A 421 6.01 12.41 13.44
N ALA A 422 7.13 13.12 13.29
CA ALA A 422 7.83 13.76 14.39
C ALA A 422 7.06 14.95 14.95
N ALA A 423 7.53 15.44 16.10
CA ALA A 423 6.77 16.45 16.86
C ALA A 423 6.50 17.70 16.04
N GLU A 424 7.55 18.27 15.42
CA GLU A 424 7.39 19.48 14.62
C GLU A 424 6.43 19.27 13.46
N VAL A 425 6.48 18.11 12.82
CA VAL A 425 5.57 17.82 11.72
C VAL A 425 4.17 17.53 12.24
N TRP A 426 4.08 16.78 13.34
CA TRP A 426 2.79 16.43 13.90
C TRP A 426 2.01 17.68 14.30
N LYS A 427 2.70 18.65 14.92
CA LYS A 427 2.07 19.91 15.28
C LYS A 427 1.57 20.65 14.04
N TRP A 428 2.43 20.78 13.03
CA TRP A 428 2.06 21.44 11.78
C TRP A 428 0.87 20.76 11.11
N TYR A 429 0.86 19.41 11.11
CA TYR A 429 -0.25 18.65 10.54
C TYR A 429 -1.54 18.86 11.33
N HIS A 430 -1.44 18.89 12.66
CA HIS A 430 -2.63 19.01 13.51
C HIS A 430 -3.17 20.43 13.50
N GLU A 431 -2.28 21.43 13.42
CA GLU A 431 -2.71 22.81 13.58
C GLU A 431 -2.94 23.50 12.23
N VAL A 432 -1.91 23.52 11.38
CA VAL A 432 -2.02 24.30 10.14
C VAL A 432 -2.94 23.59 9.15
N VAL A 433 -2.83 22.26 9.04
CA VAL A 433 -3.63 21.53 8.06
C VAL A 433 -5.01 21.19 8.63
N GLY A 434 -5.03 20.51 9.77
CA GLY A 434 -6.29 20.05 10.35
C GLY A 434 -7.06 21.07 11.17
N LYS A 435 -6.50 22.27 11.40
CA LYS A 435 -7.17 23.33 12.16
CA LYS A 435 -7.19 23.32 12.15
C LYS A 435 -7.67 22.83 13.51
N ARG A 436 -6.92 21.89 14.12
CA ARG A 436 -7.25 21.27 15.40
C ARG A 436 -8.62 20.59 15.37
N GLN A 437 -9.09 20.27 14.18
CA GLN A 437 -10.41 19.68 13.97
C GLN A 437 -10.35 18.18 13.66
N ALA A 438 -9.19 17.63 13.29
CA ALA A 438 -9.09 16.29 12.77
C ALA A 438 -8.24 15.41 13.67
N HIS A 439 -8.52 14.11 13.66
CA HIS A 439 -7.76 13.16 14.45
C HIS A 439 -6.59 12.66 13.60
N ILE A 440 -5.38 12.78 14.14
CA ILE A 440 -4.17 12.34 13.43
C ILE A 440 -3.89 10.90 13.82
N VAL A 441 -3.84 10.02 12.81
CA VAL A 441 -3.68 8.59 13.03
CA VAL A 441 -3.70 8.59 13.00
C VAL A 441 -2.40 8.16 12.34
N ASP A 442 -1.39 7.82 13.16
CA ASP A 442 -0.10 7.39 12.69
C ASP A 442 -0.14 5.87 12.60
N THR A 443 -0.22 5.35 11.37
CA THR A 443 -0.46 3.92 11.14
C THR A 443 0.86 3.22 10.85
N TYR A 444 1.24 2.29 11.72
CA TYR A 444 2.39 1.41 11.50
C TYR A 444 1.96 0.09 10.86
N TRP A 445 2.63 -0.30 9.78
CA TRP A 445 2.40 -1.57 9.11
C TRP A 445 3.41 -1.75 7.97
N GLN A 446 3.27 -2.84 7.21
CA GLN A 446 4.25 -3.24 6.20
C GLN A 446 3.52 -3.92 5.06
N THR A 447 4.20 -4.01 3.91
CA THR A 447 3.65 -4.79 2.80
C THR A 447 3.25 -6.19 3.28
N GLU A 448 4.08 -6.80 4.11
CA GLU A 448 3.85 -8.17 4.59
C GLU A 448 2.66 -8.28 5.56
N THR A 449 2.21 -7.18 6.18
CA THR A 449 1.09 -7.30 7.11
C THR A 449 -0.27 -7.06 6.45
N GLY A 450 -0.29 -6.60 5.19
CA GLY A 450 -1.53 -6.44 4.45
C GLY A 450 -2.31 -5.18 4.79
N SER A 451 -2.38 -4.85 6.09
CA SER A 451 -3.15 -3.72 6.59
C SER A 451 -2.55 -3.28 7.92
N HIS A 452 -3.05 -2.16 8.46
CA HIS A 452 -2.56 -1.58 9.73
C HIS A 452 -2.45 -2.61 10.85
N VAL A 453 -1.38 -2.52 11.64
CA VAL A 453 -1.24 -3.47 12.76
C VAL A 453 -0.99 -2.76 14.08
N ILE A 454 -0.36 -1.57 14.05
CA ILE A 454 -0.23 -0.75 15.25
C ILE A 454 -0.61 0.66 14.86
N THR A 455 -1.64 1.21 15.51
CA THR A 455 -2.29 2.43 15.05
C THR A 455 -3.33 2.88 16.06
N PRO A 456 -3.55 4.18 16.20
CA PRO A 456 -4.75 4.62 16.89
C PRO A 456 -5.96 4.32 16.02
N LEU A 457 -7.11 4.24 16.66
CA LEU A 457 -8.37 4.09 15.94
C LEU A 457 -9.01 5.47 15.80
N GLY A 458 -9.34 5.84 14.57
CA GLY A 458 -9.83 7.17 14.28
C GLY A 458 -11.04 7.58 15.10
N GLY A 459 -10.95 8.72 15.79
CA GLY A 459 -12.02 9.18 16.63
C GLY A 459 -12.14 8.47 17.97
N ILE A 460 -11.19 7.60 18.32
CA ILE A 460 -11.31 6.79 19.53
C ILE A 460 -10.05 6.90 20.37
N THR A 461 -8.89 6.60 19.78
CA THR A 461 -7.69 6.39 20.59
C THR A 461 -7.00 7.72 20.88
N PRO A 462 -6.67 8.01 22.13
CA PRO A 462 -5.82 9.15 22.43
C PRO A 462 -4.40 8.89 21.92
N THR A 463 -3.76 9.92 21.38
CA THR A 463 -2.49 9.76 20.68
C THR A 463 -1.37 10.52 21.38
N LYS A 464 -0.14 10.12 21.05
CA LYS A 464 1.07 10.81 21.43
C LYS A 464 1.85 11.16 20.17
N PRO A 465 2.36 12.39 20.03
CA PRO A 465 3.13 12.72 18.83
C PRO A 465 4.38 11.84 18.75
N GLY A 466 4.56 11.19 17.61
CA GLY A 466 5.66 10.30 17.39
C GLY A 466 5.40 8.84 17.70
N SER A 467 4.27 8.52 18.33
CA SER A 467 3.94 7.16 18.68
C SER A 467 2.87 6.63 17.74
N ALA A 468 2.98 5.33 17.42
CA ALA A 468 1.94 4.63 16.67
C ALA A 468 0.80 4.14 17.55
N SER A 469 0.88 4.38 18.87
CA SER A 469 -0.17 4.05 19.84
C SER A 469 -0.24 2.56 20.15
N LEU A 470 -1.36 1.92 19.83
CA LEU A 470 -1.76 0.62 20.34
C LEU A 470 -2.03 -0.37 19.21
N PRO A 471 -1.93 -1.67 19.48
CA PRO A 471 -2.18 -2.68 18.42
C PRO A 471 -3.61 -2.69 17.92
N PHE A 472 -3.75 -2.96 16.64
CA PHE A 472 -5.04 -3.22 16.03
C PHE A 472 -5.57 -4.58 16.51
N PHE A 473 -6.86 -4.80 16.29
CA PHE A 473 -7.48 -6.07 16.61
C PHE A 473 -6.69 -7.22 16.00
N GLY A 474 -6.46 -8.27 16.81
CA GLY A 474 -5.80 -9.47 16.35
C GLY A 474 -4.29 -9.40 16.31
N ILE A 475 -3.69 -8.27 16.70
CA ILE A 475 -2.25 -8.06 16.65
C ILE A 475 -1.72 -8.14 18.06
N ASP A 476 -0.80 -9.06 18.32
CA ASP A 476 -0.29 -9.32 19.66
C ASP A 476 1.21 -9.02 19.67
N PRO A 477 1.60 -7.77 19.85
CA PRO A 477 3.01 -7.40 19.74
C PRO A 477 3.78 -7.76 20.99
N VAL A 478 5.03 -8.16 20.78
CA VAL A 478 5.99 -8.41 21.86
C VAL A 478 7.28 -7.69 21.52
N ILE A 479 8.05 -7.35 22.56
CA ILE A 479 9.38 -6.78 22.42
C ILE A 479 10.38 -7.86 22.80
N LEU A 480 11.29 -8.19 21.88
CA LEU A 480 12.27 -9.26 22.08
C LEU A 480 13.67 -8.71 22.29
N ASP A 481 14.45 -9.39 23.14
CA ASP A 481 15.88 -9.09 23.21
C ASP A 481 16.53 -9.38 21.87
N PRO A 482 17.26 -8.44 21.28
CA PRO A 482 17.77 -8.65 19.91
C PRO A 482 18.64 -9.89 19.77
N VAL A 483 19.52 -10.17 20.74
CA VAL A 483 20.45 -11.29 20.65
C VAL A 483 19.82 -12.59 21.14
N THR A 484 19.42 -12.62 22.41
CA THR A 484 18.90 -13.86 22.99
C THR A 484 17.53 -14.24 22.45
N GLY A 485 16.82 -13.29 21.84
CA GLY A 485 15.49 -13.58 21.32
C GLY A 485 14.40 -13.75 22.36
N ALA A 486 14.69 -13.45 23.62
CA ALA A 486 13.72 -13.66 24.69
C ALA A 486 12.72 -12.50 24.76
N GLU A 487 11.47 -12.84 25.10
CA GLU A 487 10.46 -11.84 25.41
C GLU A 487 10.93 -10.93 26.55
N ILE A 488 10.59 -9.65 26.46
CA ILE A 488 10.86 -8.72 27.55
C ILE A 488 9.52 -8.23 28.07
N PRO A 489 9.09 -8.65 29.25
CA PRO A 489 7.72 -8.37 29.69
C PRO A 489 7.55 -6.93 30.18
N GLY A 490 6.29 -6.56 30.34
CA GLY A 490 5.95 -5.29 30.96
C GLY A 490 6.23 -4.08 30.09
N ASN A 491 6.13 -2.92 30.74
CA ASN A 491 6.21 -1.62 30.10
C ASN A 491 7.59 -0.97 30.30
N ASP A 492 7.82 0.11 29.56
CA ASP A 492 9.11 0.80 29.50
C ASP A 492 10.25 -0.16 29.13
N VAL A 493 10.06 -0.88 28.03
CA VAL A 493 11.06 -1.81 27.51
C VAL A 493 11.36 -1.44 26.05
N GLU A 494 12.50 -1.92 25.56
CA GLU A 494 12.88 -1.69 24.18
C GLU A 494 13.55 -2.93 23.62
N GLY A 495 13.53 -3.04 22.30
CA GLY A 495 14.12 -4.18 21.62
C GLY A 495 13.56 -4.41 20.23
N ILE A 496 13.37 -5.68 19.88
CA ILE A 496 12.90 -6.10 18.56
C ILE A 496 11.38 -6.15 18.57
N LEU A 497 10.76 -5.69 17.50
CA LEU A 497 9.30 -5.74 17.39
C LEU A 497 8.89 -7.03 16.68
N ALA A 498 8.12 -7.87 17.37
CA ALA A 498 7.62 -9.10 16.79
C ALA A 498 6.16 -9.25 17.17
N PHE A 499 5.44 -10.13 16.45
CA PHE A 499 4.06 -10.46 16.76
C PHE A 499 3.97 -11.91 17.22
N ARG A 500 3.13 -12.16 18.23
CA ARG A 500 3.07 -13.47 18.85
CA ARG A 500 3.05 -13.46 18.87
C ARG A 500 2.05 -14.41 18.18
N LYS A 501 1.15 -13.88 17.37
CA LYS A 501 0.09 -14.71 16.78
C LYS A 501 -0.16 -14.34 15.33
N PRO A 502 -0.65 -15.27 14.51
CA PRO A 502 -1.00 -14.94 13.13
C PRO A 502 -2.19 -14.01 13.09
N TRP A 503 -2.40 -13.36 11.95
CA TRP A 503 -3.51 -12.46 11.76
C TRP A 503 -4.02 -12.61 10.34
N PRO A 504 -5.29 -12.25 10.07
CA PRO A 504 -5.91 -12.65 8.78
C PRO A 504 -5.18 -12.13 7.55
N SER A 505 -4.70 -10.88 7.56
CA SER A 505 -4.14 -10.28 6.35
C SER A 505 -2.63 -10.44 6.22
N MET A 506 -2.02 -11.32 7.03
CA MET A 506 -0.60 -11.59 6.90
C MET A 506 -0.27 -12.15 5.51
N ALA A 507 0.87 -11.73 4.97
CA ALA A 507 1.34 -12.34 3.73
C ALA A 507 1.51 -13.84 3.92
N ARG A 508 1.21 -14.60 2.86
CA ARG A 508 1.20 -16.05 2.93
C ARG A 508 2.49 -16.70 2.40
N THR A 509 3.21 -16.05 1.49
CA THR A 509 4.48 -16.61 1.00
C THR A 509 5.26 -15.52 0.27
N VAL A 510 6.49 -15.83 -0.08
CA VAL A 510 7.23 -15.12 -1.11
C VAL A 510 7.18 -15.98 -2.37
N TRP A 511 6.69 -15.39 -3.46
CA TRP A 511 6.38 -16.10 -4.70
C TRP A 511 7.56 -16.93 -5.19
N GLY A 512 7.33 -18.22 -5.39
CA GLY A 512 8.36 -19.12 -5.83
C GLY A 512 9.43 -19.44 -4.80
N ASP A 513 9.30 -18.94 -3.57
CA ASP A 513 10.42 -19.15 -2.63
C ASP A 513 9.87 -19.13 -1.20
N HIS A 514 9.07 -20.15 -0.85
CA HIS A 514 8.55 -20.22 0.52
C HIS A 514 9.67 -20.31 1.54
N LYS A 515 10.81 -20.89 1.17
CA LYS A 515 11.89 -21.01 2.14
C LYS A 515 12.42 -19.64 2.53
N ARG A 516 12.52 -18.72 1.57
CA ARG A 516 12.94 -17.35 1.91
C ARG A 516 11.92 -16.70 2.84
N TYR A 517 10.63 -16.89 2.56
CA TYR A 517 9.58 -16.43 3.47
C TYR A 517 9.80 -16.97 4.88
N MET A 518 9.97 -18.30 5.02
CA MET A 518 10.20 -18.88 6.35
C MET A 518 11.44 -18.29 7.00
N ASP A 519 12.56 -18.30 6.28
CA ASP A 519 13.82 -17.87 6.86
C ASP A 519 13.79 -16.38 7.22
N THR A 520 13.12 -15.56 6.42
CA THR A 520 13.15 -14.12 6.64
C THR A 520 12.21 -13.70 7.75
N TYR A 521 11.02 -14.29 7.83
CA TYR A 521 9.98 -13.79 8.72
C TYR A 521 9.71 -14.66 9.93
N LEU A 522 9.91 -15.97 9.82
CA LEU A 522 9.36 -16.91 10.79
C LEU A 522 10.40 -17.77 11.49
N ASN A 523 11.58 -17.93 10.91
CA ASN A 523 12.63 -18.77 11.50
C ASN A 523 13.65 -17.97 12.30
N VAL A 524 13.61 -16.64 12.25
CA VAL A 524 14.56 -15.84 13.01
C VAL A 524 14.31 -15.97 14.50
N TYR A 525 13.06 -15.78 14.90
CA TYR A 525 12.62 -15.96 16.28
C TYR A 525 11.41 -16.87 16.19
N LYS A 526 11.63 -18.16 16.45
CA LYS A 526 10.60 -19.15 16.14
C LYS A 526 9.44 -19.05 17.12
N GLY A 527 8.24 -19.14 16.59
CA GLY A 527 7.04 -18.83 17.35
C GLY A 527 6.55 -17.41 17.23
N PHE A 528 7.32 -16.53 16.57
CA PHE A 528 6.95 -15.14 16.38
C PHE A 528 7.10 -14.75 14.92
N TYR A 529 6.43 -13.65 14.54
CA TYR A 529 6.65 -13.01 13.26
C TYR A 529 7.62 -11.84 13.46
N PHE A 530 8.68 -11.80 12.67
CA PHE A 530 9.74 -10.81 12.80
C PHE A 530 9.48 -9.67 11.80
N THR A 531 9.35 -8.45 12.33
CA THR A 531 9.01 -7.28 11.50
C THR A 531 10.23 -6.66 10.85
N GLY A 532 11.42 -6.93 11.35
CA GLY A 532 12.62 -6.23 10.93
C GLY A 532 12.80 -4.87 11.56
N ASP A 533 11.92 -4.49 12.49
CA ASP A 533 11.93 -3.17 13.10
C ASP A 533 12.22 -3.27 14.59
N GLY A 534 12.91 -2.24 15.12
CA GLY A 534 13.03 -2.07 16.54
C GLY A 534 11.89 -1.24 17.10
N ALA A 535 11.66 -1.34 18.41
CA ALA A 535 10.53 -0.65 19.03
C ALA A 535 10.72 -0.58 20.53
N GLY A 536 10.15 0.49 21.11
CA GLY A 536 9.97 0.57 22.55
C GLY A 536 8.50 0.61 22.90
N ARG A 537 8.17 0.16 24.11
CA ARG A 537 6.81 0.19 24.64
C ARG A 537 6.84 0.95 25.94
N ASP A 538 6.25 2.15 25.95
CA ASP A 538 6.49 3.08 27.05
C ASP A 538 5.67 2.69 28.28
N HIS A 539 5.79 3.52 29.34
CA HIS A 539 5.14 3.24 30.62
C HIS A 539 3.64 3.03 30.49
N GLU A 540 2.99 3.62 29.49
CA GLU A 540 1.57 3.41 29.28
C GLU A 540 1.28 2.27 28.31
N GLY A 541 2.29 1.59 27.78
CA GLY A 541 2.08 0.56 26.80
C GLY A 541 1.92 1.07 25.37
N TYR A 542 2.18 2.35 25.13
CA TYR A 542 2.19 2.88 23.78
C TYR A 542 3.48 2.49 23.06
N TYR A 543 3.38 2.22 21.77
CA TYR A 543 4.50 1.72 20.99
C TYR A 543 5.18 2.85 20.22
N TRP A 544 6.51 2.77 20.14
CA TRP A 544 7.35 3.77 19.52
C TRP A 544 8.28 3.04 18.55
N ILE A 545 8.08 3.24 17.25
CA ILE A 545 8.78 2.48 16.23
C ILE A 545 10.17 3.06 16.01
N ARG A 546 11.18 2.19 16.00
CA ARG A 546 12.57 2.64 15.97
C ARG A 546 13.19 2.55 14.58
N GLY A 547 12.59 1.83 13.66
CA GLY A 547 13.15 1.71 12.33
C GLY A 547 13.89 0.39 12.13
N ARG A 548 14.27 0.15 10.88
CA ARG A 548 14.78 -1.15 10.47
C ARG A 548 16.09 -1.48 11.16
N VAL A 549 16.20 -2.73 11.63
CA VAL A 549 17.47 -3.26 12.15
C VAL A 549 18.29 -3.97 11.08
N ASP A 550 17.69 -4.28 9.92
CA ASP A 550 18.37 -4.92 8.80
C ASP A 550 18.86 -3.88 7.80
N ASP A 551 19.15 -4.29 6.57
CA ASP A 551 19.79 -3.43 5.58
C ASP A 551 18.79 -2.78 4.62
N VAL A 552 17.55 -2.56 5.07
CA VAL A 552 16.52 -1.87 4.30
C VAL A 552 16.42 -0.44 4.80
N VAL A 553 16.62 0.52 3.91
CA VAL A 553 16.52 1.93 4.27
C VAL A 553 15.33 2.54 3.53
N ASN A 554 14.72 3.53 4.16
CA ASN A 554 13.52 4.19 3.63
C ASN A 554 13.89 5.63 3.33
N VAL A 555 13.94 5.98 2.05
CA VAL A 555 14.39 7.30 1.59
C VAL A 555 13.28 7.93 0.75
N SER A 556 12.81 9.10 1.19
CA SER A 556 11.82 9.90 0.46
C SER A 556 10.58 9.08 0.08
N GLY A 557 10.16 8.19 0.98
CA GLY A 557 8.94 7.43 0.79
C GLY A 557 9.07 6.13 0.03
N HIS A 558 10.29 5.64 -0.19
CA HIS A 558 10.51 4.43 -0.98
C HIS A 558 11.35 3.44 -0.17
N ARG A 559 10.87 2.20 -0.09
CA ARG A 559 11.57 1.12 0.61
C ARG A 559 12.63 0.54 -0.33
N LEU A 560 13.88 0.95 -0.14
CA LEU A 560 14.98 0.60 -1.03
C LEU A 560 15.94 -0.37 -0.35
N SER A 561 16.62 -1.18 -1.17
CA SER A 561 17.63 -2.12 -0.69
C SER A 561 19.01 -1.53 -0.92
N THR A 562 19.79 -1.38 0.16
CA THR A 562 21.16 -0.89 -0.01
C THR A 562 22.01 -1.89 -0.78
N ALA A 563 21.70 -3.19 -0.67
CA ALA A 563 22.41 -4.18 -1.44
C ALA A 563 22.13 -4.06 -2.93
N GLU A 564 20.90 -3.65 -3.29
CA GLU A 564 20.56 -3.47 -4.70
C GLU A 564 21.27 -2.26 -5.30
N ILE A 565 21.43 -1.17 -4.53
CA ILE A 565 22.20 -0.03 -5.01
C ILE A 565 23.66 -0.41 -5.19
N GLU A 566 24.23 -1.13 -4.22
CA GLU A 566 25.61 -1.60 -4.34
C GLU A 566 25.80 -2.47 -5.56
N ALA A 567 24.88 -3.42 -5.79
CA ALA A 567 24.99 -4.30 -6.94
C ALA A 567 24.87 -3.52 -8.24
N ALA A 568 24.15 -2.39 -8.22
CA ALA A 568 24.07 -1.55 -9.41
C ALA A 568 25.39 -0.83 -9.65
N LEU A 569 25.96 -0.22 -8.60
CA LEU A 569 27.24 0.47 -8.76
C LEU A 569 28.35 -0.48 -9.18
N ILE A 570 28.36 -1.69 -8.64
CA ILE A 570 29.37 -2.68 -9.01
C ILE A 570 29.28 -3.03 -10.49
N GLU A 571 28.07 -2.94 -11.07
CA GLU A 571 27.89 -3.22 -12.48
C GLU A 571 28.64 -2.28 -13.40
N HIS A 572 29.22 -1.20 -12.88
CA HIS A 572 30.03 -0.30 -13.69
C HIS A 572 31.44 -0.89 -13.89
N HIS A 573 32.10 -0.45 -14.96
CA HIS A 573 33.40 -1.00 -15.32
C HIS A 573 34.45 -0.68 -14.26
N CYS A 574 34.52 0.58 -13.82
CA CYS A 574 35.60 1.03 -12.96
C CYS A 574 35.39 0.71 -11.48
N VAL A 575 34.16 0.37 -11.08
CA VAL A 575 33.85 0.14 -9.67
C VAL A 575 34.12 -1.31 -9.31
N ALA A 576 34.75 -1.51 -8.15
CA ALA A 576 35.05 -2.85 -7.66
C ALA A 576 34.29 -3.13 -6.36
N GLU A 577 34.60 -2.44 -5.27
CA GLU A 577 33.86 -2.55 -4.02
C GLU A 577 32.94 -1.34 -3.88
N ALA A 578 31.67 -1.59 -3.61
CA ALA A 578 30.68 -0.53 -3.47
C ALA A 578 29.94 -0.71 -2.15
N ALA A 579 29.77 0.40 -1.41
CA ALA A 579 29.10 0.38 -0.13
C ALA A 579 28.09 1.51 -0.08
N VAL A 580 26.86 1.19 0.34
CA VAL A 580 25.77 2.15 0.42
C VAL A 580 25.27 2.19 1.86
N VAL A 581 25.17 3.40 2.42
CA VAL A 581 24.71 3.59 3.79
C VAL A 581 23.60 4.64 3.79
N GLY A 582 22.88 4.71 4.91
CA GLY A 582 21.80 5.66 5.07
C GLY A 582 22.08 6.76 6.09
N ALA A 591 18.21 9.86 3.38
CA ALA A 591 19.25 10.18 2.40
C ALA A 591 20.36 9.14 2.39
N VAL A 592 20.36 8.28 1.37
CA VAL A 592 21.35 7.22 1.23
C VAL A 592 22.57 7.77 0.52
N HIS A 593 23.74 7.23 0.86
CA HIS A 593 25.00 7.62 0.26
C HIS A 593 25.75 6.39 -0.23
N ALA A 594 26.72 6.62 -1.10
CA ALA A 594 27.45 5.53 -1.75
C ALA A 594 28.91 5.90 -1.86
N PHE A 595 29.76 5.17 -1.16
CA PHE A 595 31.21 5.29 -1.28
C PHE A 595 31.71 4.10 -2.09
N VAL A 596 32.24 4.35 -3.28
CA VAL A 596 32.71 3.30 -4.17
C VAL A 596 34.23 3.33 -4.20
N ALA A 597 34.82 2.13 -4.31
CA ALA A 597 36.27 1.98 -4.41
C ALA A 597 36.61 1.65 -5.87
N LEU A 598 37.23 2.62 -6.55
CA LEU A 598 37.57 2.46 -7.96
C LEU A 598 38.84 1.65 -8.14
N ASN A 602 41.20 5.68 -14.01
CA ASN A 602 40.13 6.60 -13.63
C ASN A 602 40.65 8.02 -13.50
N ASP A 603 40.64 8.77 -14.60
CA ASP A 603 41.22 10.11 -14.66
C ASP A 603 40.19 11.19 -14.97
N ASN A 604 38.90 10.94 -14.68
CA ASN A 604 37.84 11.93 -14.90
C ASN A 604 36.78 11.72 -13.82
N ARG A 605 37.12 12.11 -12.58
CA ARG A 605 36.26 11.84 -11.44
C ARG A 605 34.98 12.67 -11.49
N GLU A 606 35.09 13.95 -11.85
CA GLU A 606 33.89 14.78 -12.01
C GLU A 606 32.99 14.25 -13.11
N GLN A 607 33.58 13.67 -14.15
CA GLN A 607 32.81 13.08 -15.25
C GLN A 607 32.31 11.68 -14.94
N LEU A 608 32.92 10.99 -13.96
CA LEU A 608 32.50 9.63 -13.62
C LEU A 608 31.35 9.61 -12.63
N GLN A 609 31.22 10.65 -11.79
CA GLN A 609 30.13 10.69 -10.82
C GLN A 609 28.77 10.74 -11.49
N LYS A 610 28.71 11.20 -12.75
CA LYS A 610 27.46 11.14 -13.50
C LYS A 610 27.22 9.76 -14.10
N GLU A 611 28.29 9.05 -14.49
CA GLU A 611 28.13 7.74 -15.11
C GLU A 611 27.67 6.68 -14.10
N LEU A 612 28.07 6.83 -12.83
CA LEU A 612 27.60 5.92 -11.80
C LEU A 612 26.17 6.23 -11.40
N ILE A 613 25.81 7.52 -11.39
CA ILE A 613 24.43 7.89 -11.08
C ILE A 613 23.48 7.35 -12.13
N MET A 614 23.85 7.46 -13.41
CA MET A 614 23.01 6.91 -14.46
C MET A 614 22.95 5.39 -14.40
N GLN A 615 24.01 4.74 -13.89
CA GLN A 615 24.00 3.29 -13.74
C GLN A 615 22.89 2.84 -12.80
N VAL A 616 22.74 3.52 -11.66
CA VAL A 616 21.68 3.20 -10.72
C VAL A 616 20.32 3.58 -11.30
N ARG A 617 20.29 4.58 -12.17
CA ARG A 617 19.04 4.97 -12.83
C ARG A 617 18.56 3.89 -13.79
N LYS A 618 19.49 3.17 -14.44
CA LYS A 618 19.10 2.08 -15.33
C LYS A 618 18.73 0.81 -14.56
N SER A 619 19.29 0.62 -13.37
CA SER A 619 19.06 -0.61 -12.63
C SER A 619 17.75 -0.58 -11.84
N ILE A 620 17.47 0.56 -11.19
CA ILE A 620 16.29 0.68 -10.33
C ILE A 620 15.34 1.71 -10.91
N GLY A 621 15.79 2.95 -11.01
CA GLY A 621 14.99 4.03 -11.51
C GLY A 621 15.53 5.36 -11.03
N PRO A 622 14.95 6.45 -11.52
CA PRO A 622 15.39 7.79 -11.09
C PRO A 622 15.38 7.98 -9.58
N PHE A 623 14.33 7.49 -8.91
CA PHE A 623 14.11 7.68 -7.48
C PHE A 623 15.10 6.92 -6.59
N ALA A 624 16.07 6.20 -7.16
CA ALA A 624 17.05 5.48 -6.36
C ALA A 624 18.48 5.94 -6.63
N ALA A 625 18.66 7.05 -7.34
CA ALA A 625 20.00 7.58 -7.57
C ALA A 625 20.59 8.11 -6.27
N PRO A 626 21.86 7.83 -6.00
CA PRO A 626 22.45 8.25 -4.72
C PRO A 626 22.62 9.76 -4.63
N LYS A 627 22.53 10.26 -3.39
CA LYS A 627 22.69 11.69 -3.16
C LYS A 627 24.10 12.17 -3.48
N VAL A 628 25.08 11.28 -3.38
CA VAL A 628 26.46 11.60 -3.73
C VAL A 628 27.18 10.28 -3.98
N VAL A 629 28.19 10.32 -4.85
CA VAL A 629 29.00 9.15 -5.17
C VAL A 629 30.42 9.43 -4.68
N PHE A 630 30.80 8.78 -3.58
CA PHE A 630 32.08 9.01 -2.94
C PHE A 630 33.17 8.12 -3.55
N VAL A 631 34.41 8.57 -3.40
CA VAL A 631 35.58 7.82 -3.86
C VAL A 631 36.66 7.84 -2.78
C1' WTA B . 8.29 1.53 8.08
C1P WTA B . 3.98 0.71 4.39
C2 WTA B . 7.42 3.98 11.53
C2' WTA B . 8.79 0.30 8.87
C3' WTA B . 8.17 -0.82 8.04
C4 WTA B . 6.90 2.88 9.66
C4' WTA B . 8.36 -0.33 6.62
C5 WTA B . 5.57 3.25 9.75
C5' WTA B . 7.34 -0.92 5.68
C6 WTA B . 5.21 4.06 10.83
C8 WTA B . 5.78 2.05 7.98
N1 WTA B . 6.16 4.40 11.71
N3 WTA B . 7.86 3.23 10.54
N6 WTA B . 3.96 4.50 11.04
N7 WTA B . 4.87 2.69 8.66
N9 WTA B . 7.04 2.11 8.55
O1P WTA B . 5.97 0.36 2.17
O2' WTA B . 10.22 0.25 8.87
O2P WTA B . 6.34 -2.12 3.21
O3' WTA B . 9.01 -1.98 8.23
O3P WTA B . 4.66 -0.55 4.27
O4' WTA B . 8.18 1.15 6.72
O5' WTA B . 7.11 -0.09 4.54
P WTA B . 6.06 -0.60 3.36
C1 EDO C . -16.81 -28.55 3.86
O1 EDO C . -17.71 -27.45 3.60
C2 EDO C . -15.74 -28.64 2.77
O2 EDO C . -14.96 -27.43 2.68
C1 EDO D . -19.07 -3.72 4.79
O1 EDO D . -19.33 -2.67 5.74
C2 EDO D . -20.33 -3.98 3.98
O2 EDO D . -20.38 -3.09 2.86
C1 EDO E . -23.67 0.44 -1.70
O1 EDO E . -23.40 -0.49 -0.65
C2 EDO E . -23.47 1.87 -1.23
O2 EDO E . -22.10 2.13 -0.88
C1 EDO F . -15.44 4.98 -16.68
O1 EDO F . -14.25 5.32 -17.40
C2 EDO F . -16.57 5.90 -17.09
O2 EDO F . -16.21 7.24 -16.75
C1 EDO G . -7.48 8.63 -17.47
O1 EDO G . -8.78 8.03 -17.39
C2 EDO G . -7.42 9.70 -18.56
O2 EDO G . -8.21 9.29 -19.69
C1 EDO H . -11.87 23.86 -4.46
O1 EDO H . -10.54 23.62 -4.96
C2 EDO H . -12.65 24.73 -5.44
O2 EDO H . -13.81 24.04 -5.91
C1 EDO I . -15.98 -20.76 12.08
O1 EDO I . -17.09 -21.32 11.36
C2 EDO I . -16.42 -20.32 13.47
O2 EDO I . -17.66 -19.61 13.37
C1 EDO J . -17.93 -11.80 -26.48
O1 EDO J . -18.66 -11.44 -27.66
C2 EDO J . -16.95 -12.93 -26.78
O2 EDO J . -16.06 -12.62 -27.85
S SO4 K . 15.51 -10.76 2.35
O1 SO4 K . 14.60 -11.88 2.13
O2 SO4 K . 14.82 -9.72 3.12
O3 SO4 K . 16.68 -11.23 3.10
O4 SO4 K . 15.93 -10.24 1.05
#